data_1E7S
#
_entry.id   1E7S
#
_cell.length_a   103.400
_cell.length_b   103.400
_cell.length_c   75.400
_cell.angle_alpha   90.00
_cell.angle_beta   90.00
_cell.angle_gamma   120.00
#
_symmetry.space_group_name_H-M   'P 32 2 1'
#
loop_
_entity.id
_entity.type
_entity.pdbx_description
1 polymer 'GDP-FUCOSE SYNTHETASE'
2 non-polymer 'NADP NICOTINAMIDE-ADENINE-DINUCLEOTIDE PHOSPHATE'
3 non-polymer ACETYLPHOSPHATE
4 non-polymer 'SULFATE ION'
5 non-polymer 2-AMINO-2-HYDROXYMETHYL-PROPANE-1,3-DIOL
6 water water
#
_entity_poly.entity_id   1
_entity_poly.type   'polypeptide(L)'
_entity_poly.pdbx_seq_one_letter_code
;MSKQRVFIAGHRGMVGSAIRRQLEQRGDVELVLRTRDELNLLDSRAVHDFFASERIDQVYLAAAKVGGIVANNTYPADFI
YQNMMIESNIIHAAHQNDVNKLLFLGSSCIYPKLAKQPMAESELLQGTLEPTNEPYAIARIAGIKLCESYNRQYGRDYRS
VMPTNLYGPHDNFHPSNSHVIPALLRRFHEATAQSAPDVVVWGSGTPMREFLHVDDMAAASIHVMELAHEVWLENTQPML
SHINVGTGVDCTIRELAQTIAKVVGYKGRVVFDASKPDGTPRKLLDVTRLHQLGWYHEISLEAGLASTYQWFLENQDRFR
G
;
_entity_poly.pdbx_strand_id   A
#
loop_
_chem_comp.id
_chem_comp.type
_chem_comp.name
_chem_comp.formula
NAP non-polymer 'NADP NICOTINAMIDE-ADENINE-DINUCLEOTIDE PHOSPHATE' 'C21 H28 N7 O17 P3'
SO4 non-polymer 'SULFATE ION' 'O4 S -2'
TRS non-polymer 2-AMINO-2-HYDROXYMETHYL-PROPANE-1,3-DIOL 'C4 H12 N O3 1'
UVW non-polymer ACETYLPHOSPHATE 'C2 H5 O5 P'
#
# COMPACT_ATOMS: atom_id res chain seq x y z
N LYS A 3 7.76 -20.45 -18.18
CA LYS A 3 7.37 -19.21 -17.53
C LYS A 3 6.55 -19.48 -16.26
N GLN A 4 6.77 -18.65 -15.26
CA GLN A 4 5.98 -18.74 -14.02
C GLN A 4 4.60 -18.11 -14.31
N ARG A 5 3.54 -18.81 -13.92
CA ARG A 5 2.18 -18.30 -14.03
C ARG A 5 1.80 -17.53 -12.77
N VAL A 6 1.69 -16.20 -12.91
CA VAL A 6 1.53 -15.28 -11.82
C VAL A 6 0.15 -14.66 -11.81
N PHE A 7 -0.63 -14.94 -10.75
CA PHE A 7 -1.93 -14.29 -10.57
C PHE A 7 -1.76 -13.01 -9.76
N ILE A 8 -2.05 -11.88 -10.36
CA ILE A 8 -2.10 -10.62 -9.61
C ILE A 8 -3.57 -10.40 -9.26
N ALA A 9 -3.94 -10.69 -7.98
CA ALA A 9 -5.31 -10.40 -7.55
C ALA A 9 -5.46 -8.87 -7.45
N GLY A 10 -6.56 -8.29 -7.90
CA GLY A 10 -6.68 -6.84 -7.78
C GLY A 10 -5.85 -6.07 -8.79
N HIS A 11 -5.65 -6.61 -9.97
CA HIS A 11 -4.72 -6.04 -10.94
C HIS A 11 -5.06 -4.66 -11.48
N ARG A 12 -6.32 -4.20 -11.32
CA ARG A 12 -6.67 -2.86 -11.78
C ARG A 12 -6.52 -1.83 -10.67
N GLY A 13 -6.15 -2.28 -9.48
CA GLY A 13 -6.00 -1.35 -8.36
C GLY A 13 -4.71 -0.53 -8.49
N MET A 14 -4.53 0.42 -7.58
CA MET A 14 -3.35 1.28 -7.61
C MET A 14 -2.09 0.46 -7.46
N VAL A 15 -2.03 -0.41 -6.45
CA VAL A 15 -0.82 -1.26 -6.26
C VAL A 15 -0.80 -2.37 -7.29
N GLY A 16 -1.91 -3.09 -7.45
CA GLY A 16 -1.89 -4.22 -8.39
C GLY A 16 -1.49 -3.86 -9.80
N SER A 17 -1.96 -2.70 -10.27
CA SER A 17 -1.62 -2.25 -11.62
C SER A 17 -0.15 -1.88 -11.71
N ALA A 18 0.42 -1.33 -10.63
CA ALA A 18 1.87 -1.02 -10.67
C ALA A 18 2.68 -2.32 -10.81
N ILE A 19 2.31 -3.38 -10.07
CA ILE A 19 2.95 -4.67 -10.20
C ILE A 19 2.78 -5.20 -11.62
N ARG A 20 1.57 -5.13 -12.16
CA ARG A 20 1.31 -5.60 -13.53
C ARG A 20 2.18 -4.85 -14.54
N ARG A 21 2.33 -3.52 -14.39
CA ARG A 21 3.15 -2.79 -15.36
C ARG A 21 4.55 -3.35 -15.42
N GLN A 22 5.14 -3.60 -14.25
CA GLN A 22 6.52 -4.14 -14.26
C GLN A 22 6.61 -5.58 -14.70
N LEU A 23 5.73 -6.47 -14.26
CA LEU A 23 5.80 -7.87 -14.68
C LEU A 23 5.42 -8.09 -16.13
N GLU A 24 4.55 -7.27 -16.71
CA GLU A 24 4.16 -7.34 -18.10
C GLU A 24 5.39 -7.22 -19.02
N GLN A 25 6.45 -6.60 -18.51
CA GLN A 25 7.74 -6.64 -19.20
C GLN A 25 8.59 -7.88 -19.04
N ARG A 26 8.10 -8.93 -18.40
CA ARG A 26 8.97 -10.05 -17.99
C ARG A 26 8.68 -11.26 -18.87
N GLY A 27 9.61 -11.62 -19.73
CA GLY A 27 9.39 -12.73 -20.66
C GLY A 27 9.43 -14.04 -19.85
N ASP A 28 9.77 -13.94 -18.56
CA ASP A 28 9.79 -15.20 -17.78
C ASP A 28 8.48 -15.39 -17.05
N VAL A 29 7.56 -14.43 -17.25
CA VAL A 29 6.30 -14.53 -16.47
C VAL A 29 5.07 -14.52 -17.38
N GLU A 30 4.11 -15.39 -17.08
CA GLU A 30 2.82 -15.40 -17.72
C GLU A 30 1.71 -14.91 -16.77
N LEU A 31 1.19 -13.70 -16.99
CA LEU A 31 0.22 -13.13 -16.08
C LEU A 31 -1.18 -13.69 -16.27
N VAL A 32 -1.79 -13.99 -15.12
CA VAL A 32 -3.16 -14.49 -15.11
C VAL A 32 -3.98 -13.44 -14.39
N LEU A 33 -4.93 -12.83 -15.12
CA LEU A 33 -5.64 -11.68 -14.56
C LEU A 33 -7.14 -11.82 -14.70
N ARG A 34 -7.87 -11.45 -13.65
CA ARG A 34 -9.34 -11.55 -13.70
C ARG A 34 -9.90 -10.23 -13.18
N THR A 35 -10.78 -9.56 -13.91
CA THR A 35 -11.42 -8.38 -13.36
C THR A 35 -12.44 -8.82 -12.29
N ARG A 36 -12.91 -7.86 -11.47
CA ARG A 36 -13.94 -8.19 -10.49
C ARG A 36 -15.14 -8.85 -11.18
N ASP A 37 -15.56 -8.32 -12.32
CA ASP A 37 -16.71 -8.85 -13.03
C ASP A 37 -16.51 -10.32 -13.41
N GLU A 38 -15.26 -10.70 -13.70
CA GLU A 38 -14.97 -12.08 -14.07
C GLU A 38 -14.83 -12.98 -12.83
N LEU A 39 -14.32 -12.40 -11.74
CA LEU A 39 -14.07 -13.20 -10.55
C LEU A 39 -14.26 -12.33 -9.31
N ASN A 40 -15.34 -12.64 -8.59
CA ASN A 40 -15.65 -11.96 -7.33
C ASN A 40 -14.89 -12.68 -6.22
N LEU A 41 -13.88 -12.01 -5.69
CA LEU A 41 -12.98 -12.58 -4.72
C LEU A 41 -13.61 -12.89 -3.37
N LEU A 42 -14.80 -12.34 -3.14
CA LEU A 42 -15.57 -12.65 -1.95
C LEU A 42 -16.27 -14.01 -2.07
N ASP A 43 -16.40 -14.57 -3.27
CA ASP A 43 -17.14 -15.81 -3.44
C ASP A 43 -16.17 -17.00 -3.33
N SER A 44 -16.18 -17.66 -2.17
CA SER A 44 -15.22 -18.73 -1.95
C SER A 44 -15.27 -19.79 -3.04
N ARG A 45 -16.46 -20.21 -3.46
CA ARG A 45 -16.56 -21.26 -4.49
C ARG A 45 -15.89 -20.79 -5.79
N ALA A 46 -16.14 -19.53 -6.18
CA ALA A 46 -15.61 -19.07 -7.46
C ALA A 46 -14.07 -18.99 -7.39
N VAL A 47 -13.59 -18.52 -6.24
CA VAL A 47 -12.12 -18.44 -6.06
C VAL A 47 -11.49 -19.81 -6.09
N HIS A 48 -12.09 -20.79 -5.41
CA HIS A 48 -11.58 -22.16 -5.49
C HIS A 48 -11.67 -22.73 -6.90
N ASP A 49 -12.72 -22.47 -7.66
CA ASP A 49 -12.83 -22.98 -9.02
C ASP A 49 -11.72 -22.37 -9.90
N PHE A 50 -11.41 -21.10 -9.64
CA PHE A 50 -10.34 -20.46 -10.41
C PHE A 50 -9.01 -21.15 -10.15
N PHE A 51 -8.63 -21.28 -8.87
CA PHE A 51 -7.40 -21.98 -8.54
C PHE A 51 -7.34 -23.43 -9.00
N ALA A 52 -8.46 -24.11 -9.05
CA ALA A 52 -8.51 -25.51 -9.49
C ALA A 52 -8.39 -25.67 -11.00
N SER A 53 -8.57 -24.58 -11.75
CA SER A 53 -8.45 -24.69 -13.20
C SER A 53 -7.33 -23.94 -13.87
N GLU A 54 -6.68 -23.03 -13.14
CA GLU A 54 -5.66 -22.17 -13.75
C GLU A 54 -4.19 -22.34 -13.48
N ARG A 55 -3.74 -23.35 -12.78
CA ARG A 55 -2.33 -23.71 -12.71
C ARG A 55 -1.43 -22.53 -12.37
N ILE A 56 -1.68 -21.86 -11.28
CA ILE A 56 -0.92 -20.73 -10.79
C ILE A 56 0.33 -21.17 -10.04
N ASP A 57 1.43 -20.45 -10.27
CA ASP A 57 2.65 -20.67 -9.50
C ASP A 57 2.86 -19.68 -8.38
N GLN A 58 2.45 -18.42 -8.60
CA GLN A 58 2.64 -17.34 -7.64
C GLN A 58 1.41 -16.46 -7.58
N VAL A 59 1.10 -15.93 -6.37
CA VAL A 59 -0.01 -14.99 -6.20
C VAL A 59 0.51 -13.68 -5.62
N TYR A 60 0.16 -12.54 -6.26
CA TYR A 60 0.34 -11.24 -5.60
C TYR A 60 -1.06 -10.85 -5.10
N LEU A 61 -1.22 -10.85 -3.80
CA LEU A 61 -2.56 -10.57 -3.22
C LEU A 61 -2.76 -9.08 -2.99
N ALA A 62 -3.06 -8.36 -4.07
CA ALA A 62 -3.24 -6.93 -4.07
C ALA A 62 -4.70 -6.49 -4.13
N ALA A 63 -5.65 -7.42 -4.05
CA ALA A 63 -7.06 -7.08 -3.98
C ALA A 63 -7.49 -6.78 -2.53
N ALA A 64 -8.26 -5.71 -2.38
CA ALA A 64 -8.69 -5.26 -1.05
C ALA A 64 -9.78 -4.22 -1.19
N LYS A 65 -10.53 -4.04 -0.13
CA LYS A 65 -11.48 -2.93 0.03
C LYS A 65 -10.76 -1.84 0.83
N VAL A 66 -10.44 -0.74 0.15
CA VAL A 66 -9.58 0.32 0.70
C VAL A 66 -10.27 1.64 0.49
N GLY A 67 -10.12 2.52 1.50
CA GLY A 67 -10.76 3.82 1.44
C GLY A 67 -10.08 4.79 2.41
N GLY A 68 -10.63 5.99 2.47
CA GLY A 68 -10.11 7.03 3.33
C GLY A 68 -10.82 7.14 4.67
N ILE A 69 -10.60 8.30 5.34
CA ILE A 69 -11.12 8.43 6.69
C ILE A 69 -12.62 8.36 6.82
N VAL A 70 -13.33 9.04 5.95
CA VAL A 70 -14.79 9.03 5.96
C VAL A 70 -15.26 7.60 5.67
N ALA A 71 -14.72 6.94 4.64
CA ALA A 71 -15.22 5.62 4.31
C ALA A 71 -14.97 4.66 5.46
N ASN A 72 -13.78 4.66 6.05
CA ASN A 72 -13.46 3.71 7.11
C ASN A 72 -14.40 3.91 8.32
N ASN A 73 -14.74 5.14 8.68
CA ASN A 73 -15.63 5.34 9.80
C ASN A 73 -17.10 5.07 9.46
N THR A 74 -17.47 5.23 8.20
CA THR A 74 -18.86 5.12 7.77
C THR A 74 -19.28 3.70 7.46
N TYR A 75 -18.35 2.92 6.91
CA TYR A 75 -18.67 1.55 6.50
C TYR A 75 -17.72 0.55 7.12
N PRO A 76 -17.61 0.53 8.44
CA PRO A 76 -16.61 -0.32 9.09
C PRO A 76 -16.85 -1.79 8.76
N ALA A 77 -18.11 -2.24 8.74
CA ALA A 77 -18.35 -3.67 8.46
C ALA A 77 -17.87 -4.05 7.07
N ASP A 78 -18.03 -3.16 6.09
CA ASP A 78 -17.51 -3.47 4.73
C ASP A 78 -15.99 -3.70 4.80
N PHE A 79 -15.29 -2.83 5.53
CA PHE A 79 -13.83 -2.92 5.54
C PHE A 79 -13.31 -4.14 6.28
N ILE A 80 -13.94 -4.57 7.37
CA ILE A 80 -13.49 -5.78 8.04
C ILE A 80 -13.91 -7.03 7.29
N TYR A 81 -15.23 -7.14 6.99
CA TYR A 81 -15.76 -8.35 6.38
C TYR A 81 -15.14 -8.61 5.01
N GLN A 82 -15.09 -7.60 4.13
CA GLN A 82 -14.64 -7.90 2.76
C GLN A 82 -13.17 -8.29 2.71
N ASN A 83 -12.35 -7.60 3.50
CA ASN A 83 -10.92 -7.96 3.55
C ASN A 83 -10.65 -9.30 4.21
N MET A 84 -11.39 -9.62 5.28
CA MET A 84 -11.29 -10.96 5.84
C MET A 84 -11.57 -12.02 4.76
N MET A 85 -12.69 -11.87 4.03
CA MET A 85 -13.12 -12.91 3.11
C MET A 85 -12.18 -13.01 1.90
N ILE A 86 -11.77 -11.86 1.34
CA ILE A 86 -10.88 -11.92 0.16
C ILE A 86 -9.59 -12.67 0.52
N GLU A 87 -8.97 -12.28 1.68
CA GLU A 87 -7.70 -12.89 2.01
C GLU A 87 -7.85 -14.36 2.42
N SER A 88 -8.93 -14.67 3.14
CA SER A 88 -9.14 -16.06 3.56
C SER A 88 -9.40 -16.97 2.34
N ASN A 89 -10.22 -16.46 1.40
CA ASN A 89 -10.54 -17.23 0.20
C ASN A 89 -9.32 -17.52 -0.62
N ILE A 90 -8.53 -16.46 -0.90
CA ILE A 90 -7.34 -16.61 -1.76
C ILE A 90 -6.29 -17.51 -1.13
N ILE A 91 -5.97 -17.26 0.13
CA ILE A 91 -4.93 -18.04 0.80
C ILE A 91 -5.33 -19.50 0.92
N HIS A 92 -6.60 -19.76 1.26
CA HIS A 92 -7.05 -21.16 1.40
C HIS A 92 -7.03 -21.87 0.06
N ALA A 93 -7.47 -21.14 -1.00
CA ALA A 93 -7.54 -21.81 -2.29
C ALA A 93 -6.15 -22.03 -2.87
N ALA A 94 -5.24 -21.07 -2.62
CA ALA A 94 -3.86 -21.22 -3.07
C ALA A 94 -3.24 -22.47 -2.43
N HIS A 95 -3.44 -22.64 -1.12
CA HIS A 95 -2.84 -23.80 -0.48
C HIS A 95 -3.47 -25.11 -0.98
N GLN A 96 -4.80 -25.10 -1.15
CA GLN A 96 -5.48 -26.35 -1.59
C GLN A 96 -5.02 -26.78 -2.98
N ASN A 97 -4.60 -25.82 -3.78
CA ASN A 97 -4.13 -26.13 -5.14
C ASN A 97 -2.62 -26.07 -5.29
N ASP A 98 -1.88 -26.19 -4.18
CA ASP A 98 -0.42 -26.34 -4.25
C ASP A 98 0.29 -25.14 -4.84
N VAL A 99 -0.28 -23.96 -4.57
CA VAL A 99 0.43 -22.74 -4.89
C VAL A 99 1.35 -22.44 -3.71
N ASN A 100 2.68 -22.52 -3.92
CA ASN A 100 3.58 -22.42 -2.77
C ASN A 100 4.01 -20.98 -2.46
N LYS A 101 3.94 -20.09 -3.42
CA LYS A 101 4.44 -18.73 -3.27
C LYS A 101 3.31 -17.73 -3.33
N LEU A 102 3.27 -16.84 -2.34
CA LEU A 102 2.24 -15.79 -2.32
C LEU A 102 2.87 -14.58 -1.64
N LEU A 103 2.46 -13.41 -2.08
CA LEU A 103 2.85 -12.15 -1.43
C LEU A 103 1.57 -11.40 -1.05
N PHE A 104 1.40 -11.21 0.26
CA PHE A 104 0.26 -10.44 0.75
C PHE A 104 0.64 -8.98 0.88
N LEU A 105 -0.05 -8.08 0.16
CA LEU A 105 0.25 -6.66 0.16
C LEU A 105 -0.75 -5.98 1.11
N GLY A 106 -0.24 -5.49 2.23
CA GLY A 106 -1.09 -4.98 3.28
C GLY A 106 -1.13 -3.46 3.38
N SER A 107 -0.99 -2.98 4.62
CA SER A 107 -1.09 -1.58 4.95
C SER A 107 -0.25 -1.23 6.16
N SER A 108 0.20 0.01 6.32
CA SER A 108 0.81 0.44 7.56
C SER A 108 -0.21 0.80 8.64
N CYS A 109 -1.52 0.71 8.35
CA CYS A 109 -2.52 0.94 9.42
C CYS A 109 -2.47 -0.19 10.43
N ILE A 110 -1.73 -1.24 10.21
CA ILE A 110 -1.58 -2.34 11.14
C ILE A 110 -0.95 -1.88 12.45
N TYR A 111 -0.16 -0.80 12.41
CA TYR A 111 0.62 -0.44 13.60
C TYR A 111 -0.17 0.37 14.63
N PRO A 112 0.23 0.24 15.90
CA PRO A 112 -0.43 1.00 16.94
C PRO A 112 -0.39 2.49 16.70
N LYS A 113 -1.42 3.21 17.14
CA LYS A 113 -1.49 4.68 17.02
C LYS A 113 -0.28 5.33 17.66
N LEU A 114 0.12 4.85 18.83
CA LEU A 114 1.27 5.44 19.55
C LEU A 114 2.52 4.59 19.52
N ALA A 115 2.85 4.01 18.41
CA ALA A 115 4.07 3.21 18.24
C ALA A 115 5.33 4.05 18.37
N LYS A 116 6.42 3.37 18.74
CA LYS A 116 7.76 3.96 18.68
C LYS A 116 8.21 4.23 17.25
N GLN A 117 8.82 5.38 17.00
CA GLN A 117 9.23 5.79 15.65
C GLN A 117 10.76 5.79 15.56
N PRO A 118 11.26 5.45 14.34
CA PRO A 118 10.49 4.88 13.27
C PRO A 118 9.98 3.48 13.60
N MET A 119 8.89 3.04 12.94
CA MET A 119 8.20 1.83 13.35
C MET A 119 8.84 0.61 12.71
N ALA A 120 9.55 -0.19 13.51
CA ALA A 120 10.07 -1.49 13.11
C ALA A 120 8.89 -2.47 13.06
N GLU A 121 9.11 -3.59 12.38
CA GLU A 121 8.07 -4.60 12.25
C GLU A 121 7.59 -5.14 13.59
N SER A 122 8.47 -5.17 14.56
CA SER A 122 8.13 -5.60 15.91
C SER A 122 7.18 -4.65 16.64
N GLU A 123 6.84 -3.49 16.07
CA GLU A 123 5.78 -2.70 16.71
C GLU A 123 4.40 -3.28 16.53
N LEU A 124 4.23 -4.23 15.62
CA LEU A 124 2.90 -4.85 15.41
C LEU A 124 2.35 -5.45 16.71
N LEU A 125 1.10 -5.07 17.00
CA LEU A 125 0.40 -5.62 18.15
C LEU A 125 0.89 -5.09 19.49
N GLN A 126 1.73 -4.07 19.51
CA GLN A 126 2.24 -3.56 20.77
C GLN A 126 1.33 -2.58 21.49
N GLY A 127 0.21 -2.18 20.91
CA GLY A 127 -0.68 -1.18 21.50
C GLY A 127 -1.92 -0.95 20.66
N THR A 128 -2.85 -0.15 21.15
CA THR A 128 -4.12 0.18 20.58
C THR A 128 -4.00 0.76 19.17
N LEU A 129 -4.92 0.39 18.30
CA LEU A 129 -5.01 0.85 16.91
C LEU A 129 -5.68 2.21 16.80
N GLU A 130 -5.45 2.92 15.69
CA GLU A 130 -6.27 4.11 15.40
C GLU A 130 -7.71 3.69 15.19
N PRO A 131 -8.66 4.33 15.87
CA PRO A 131 -10.07 3.91 15.77
C PRO A 131 -10.66 4.04 14.39
N THR A 132 -10.24 5.09 13.68
CA THR A 132 -10.81 5.27 12.32
C THR A 132 -10.62 3.99 11.51
N ASN A 133 -9.41 3.42 11.53
CA ASN A 133 -9.04 2.29 10.74
C ASN A 133 -9.08 0.94 11.40
N GLU A 134 -9.54 0.86 12.67
CA GLU A 134 -9.44 -0.37 13.45
C GLU A 134 -9.97 -1.63 12.79
N PRO A 135 -11.19 -1.61 12.24
CA PRO A 135 -11.77 -2.80 11.59
C PRO A 135 -10.89 -3.22 10.41
N TYR A 136 -10.58 -2.27 9.53
CA TYR A 136 -9.66 -2.56 8.41
C TYR A 136 -8.34 -3.15 8.86
N ALA A 137 -7.72 -2.50 9.85
CA ALA A 137 -6.43 -2.95 10.39
C ALA A 137 -6.45 -4.37 10.92
N ILE A 138 -7.52 -4.70 11.65
CA ILE A 138 -7.64 -6.08 12.16
C ILE A 138 -7.74 -7.07 11.00
N ALA A 139 -8.50 -6.70 9.94
CA ALA A 139 -8.56 -7.60 8.79
C ALA A 139 -7.14 -7.76 8.16
N ARG A 140 -6.42 -6.65 8.04
CA ARG A 140 -5.06 -6.73 7.49
C ARG A 140 -4.15 -7.62 8.32
N ILE A 141 -4.17 -7.42 9.64
CA ILE A 141 -3.35 -8.22 10.55
C ILE A 141 -3.75 -9.71 10.44
N ALA A 142 -5.04 -9.99 10.32
CA ALA A 142 -5.46 -11.38 10.11
C ALA A 142 -4.84 -11.94 8.84
N GLY A 143 -4.69 -11.14 7.78
CA GLY A 143 -4.04 -11.66 6.57
C GLY A 143 -2.60 -12.06 6.81
N ILE A 144 -1.85 -11.21 7.53
CA ILE A 144 -0.46 -11.61 7.89
C ILE A 144 -0.47 -12.91 8.66
N LYS A 145 -1.37 -13.05 9.64
CA LYS A 145 -1.37 -14.21 10.50
C LYS A 145 -1.86 -15.46 9.79
N LEU A 146 -2.71 -15.29 8.76
CA LEU A 146 -3.04 -16.42 7.87
C LEU A 146 -1.78 -16.89 7.14
N CYS A 147 -1.04 -15.92 6.55
CA CYS A 147 0.20 -16.31 5.86
C CYS A 147 1.15 -17.06 6.77
N GLU A 148 1.39 -16.50 7.98
CA GLU A 148 2.36 -17.11 8.86
C GLU A 148 1.88 -18.48 9.32
N SER A 149 0.58 -18.67 9.53
CA SER A 149 0.07 -19.94 10.02
C SER A 149 0.15 -21.01 8.94
N TYR A 150 -0.14 -20.64 7.66
CA TYR A 150 0.07 -21.61 6.58
C TYR A 150 1.55 -21.92 6.40
N ASN A 151 2.40 -20.89 6.55
CA ASN A 151 3.86 -21.17 6.48
C ASN A 151 4.30 -22.19 7.54
N ARG A 152 3.83 -21.99 8.76
CA ARG A 152 4.28 -22.83 9.89
C ARG A 152 3.68 -24.22 9.84
N GLN A 153 2.37 -24.31 9.53
CA GLN A 153 1.74 -25.61 9.55
C GLN A 153 2.07 -26.46 8.31
N TYR A 154 2.14 -25.82 7.16
CA TYR A 154 2.29 -26.53 5.90
C TYR A 154 3.62 -26.38 5.16
N GLY A 155 4.49 -25.50 5.63
CA GLY A 155 5.77 -25.23 4.98
C GLY A 155 5.59 -24.41 3.70
N ARG A 156 4.53 -23.59 3.64
CA ARG A 156 4.36 -22.65 2.55
C ARG A 156 5.32 -21.48 2.60
N ASP A 157 5.34 -20.73 1.49
CA ASP A 157 6.19 -19.54 1.35
C ASP A 157 5.27 -18.34 1.01
N TYR A 158 4.46 -18.00 2.03
CA TYR A 158 3.51 -16.90 1.90
C TYR A 158 4.04 -15.68 2.64
N ARG A 159 4.66 -14.78 1.84
CA ARG A 159 5.35 -13.61 2.36
C ARG A 159 4.42 -12.42 2.44
N SER A 160 4.82 -11.30 3.02
CA SER A 160 3.99 -10.15 3.21
C SER A 160 4.78 -8.84 3.26
N VAL A 161 4.19 -7.79 2.65
CA VAL A 161 4.83 -6.49 2.67
C VAL A 161 3.78 -5.46 3.12
N MET A 162 4.25 -4.49 3.92
CA MET A 162 3.36 -3.43 4.42
C MET A 162 3.88 -2.07 3.93
N PRO A 163 3.14 -1.47 3.01
CA PRO A 163 3.56 -0.15 2.51
C PRO A 163 3.33 0.97 3.51
N THR A 164 4.16 2.01 3.36
CA THR A 164 3.92 3.27 4.01
C THR A 164 2.87 4.03 3.18
N ASN A 165 2.71 5.33 3.40
CA ASN A 165 1.77 6.09 2.55
C ASN A 165 2.23 6.06 1.09
N LEU A 166 1.30 5.72 0.21
CA LEU A 166 1.62 5.62 -1.23
C LEU A 166 1.04 6.75 -2.02
N TYR A 167 1.63 7.01 -3.20
CA TYR A 167 1.12 7.97 -4.16
C TYR A 167 1.55 7.52 -5.56
N GLY A 168 0.94 8.11 -6.61
CA GLY A 168 1.38 7.79 -7.95
C GLY A 168 0.22 7.70 -8.90
N PRO A 169 0.49 7.19 -10.10
CA PRO A 169 -0.56 6.99 -11.09
C PRO A 169 -1.67 6.12 -10.50
N HIS A 170 -2.87 6.36 -11.03
CA HIS A 170 -4.07 5.61 -10.71
C HIS A 170 -4.62 5.81 -9.31
N ASP A 171 -4.13 6.88 -8.68
CA ASP A 171 -4.69 7.30 -7.39
C ASP A 171 -6.01 8.03 -7.66
N ASN A 172 -6.71 8.39 -6.59
CA ASN A 172 -7.94 9.19 -6.67
C ASN A 172 -7.64 10.67 -6.48
N PHE A 173 -7.57 11.42 -7.58
CA PHE A 173 -7.16 12.83 -7.51
C PHE A 173 -8.32 13.80 -7.34
N HIS A 174 -9.03 13.72 -6.26
CA HIS A 174 -10.25 14.46 -5.96
C HIS A 174 -9.93 15.31 -4.73
N PRO A 175 -10.43 16.53 -4.69
CA PRO A 175 -10.05 17.46 -3.63
C PRO A 175 -10.47 16.93 -2.28
N SER A 176 -11.48 16.04 -2.24
CA SER A 176 -11.95 15.48 -1.00
C SER A 176 -11.22 14.25 -0.46
N ASN A 177 -10.20 13.80 -1.20
CA ASN A 177 -9.47 12.59 -0.76
C ASN A 177 -8.83 12.92 0.57
N SER A 178 -8.91 12.01 1.55
CA SER A 178 -8.21 12.20 2.82
C SER A 178 -6.71 11.93 2.76
N HIS A 179 -6.19 11.35 1.70
CA HIS A 179 -4.78 11.15 1.48
C HIS A 179 -4.18 12.45 0.92
N VAL A 180 -3.19 12.95 1.65
CA VAL A 180 -2.71 14.31 1.42
C VAL A 180 -2.10 14.51 0.06
N ILE A 181 -1.33 13.57 -0.50
CA ILE A 181 -0.72 13.83 -1.80
C ILE A 181 -1.68 14.04 -2.94
N PRO A 182 -2.58 13.07 -3.20
CA PRO A 182 -3.54 13.29 -4.29
C PRO A 182 -4.44 14.47 -4.02
N ALA A 183 -4.88 14.68 -2.76
CA ALA A 183 -5.73 15.82 -2.45
C ALA A 183 -5.04 17.14 -2.76
N LEU A 184 -3.78 17.28 -2.27
CA LEU A 184 -3.07 18.52 -2.50
C LEU A 184 -2.71 18.71 -3.96
N LEU A 185 -2.29 17.63 -4.67
CA LEU A 185 -2.03 17.82 -6.10
C LEU A 185 -3.27 18.41 -6.77
N ARG A 186 -4.45 17.84 -6.45
CA ARG A 186 -5.68 18.33 -7.06
C ARG A 186 -6.03 19.75 -6.60
N ARG A 187 -5.94 20.01 -5.31
CA ARG A 187 -6.24 21.35 -4.81
C ARG A 187 -5.34 22.43 -5.40
N PHE A 188 -4.04 22.10 -5.47
CA PHE A 188 -3.11 23.08 -6.06
C PHE A 188 -3.32 23.24 -7.55
N HIS A 189 -3.67 22.17 -8.25
CA HIS A 189 -3.97 22.26 -9.66
C HIS A 189 -5.14 23.21 -9.92
N GLU A 190 -6.20 23.03 -9.11
CA GLU A 190 -7.39 23.86 -9.27
C GLU A 190 -7.16 25.31 -8.85
N ALA A 191 -6.35 25.51 -7.81
CA ALA A 191 -6.01 26.88 -7.39
C ALA A 191 -5.19 27.62 -8.41
N THR A 192 -4.31 26.85 -9.11
CA THR A 192 -3.52 27.46 -10.19
C THR A 192 -4.42 27.78 -11.40
N ALA A 193 -5.41 26.88 -11.67
CA ALA A 193 -6.35 27.21 -12.75
C ALA A 193 -7.17 28.48 -12.46
N GLN A 194 -7.60 28.61 -11.22
CA GLN A 194 -8.48 29.70 -10.77
C GLN A 194 -7.70 30.98 -10.42
N SER A 195 -6.37 30.93 -10.37
CA SER A 195 -5.59 32.07 -9.87
C SER A 195 -6.09 32.36 -8.43
N ALA A 196 -6.34 31.35 -7.61
CA ALA A 196 -6.70 31.59 -6.21
C ALA A 196 -5.51 32.20 -5.47
N PRO A 197 -5.74 33.21 -4.64
CA PRO A 197 -4.62 33.85 -3.93
C PRO A 197 -3.88 32.90 -3.01
N ASP A 198 -4.62 32.02 -2.31
CA ASP A 198 -4.00 31.07 -1.39
C ASP A 198 -4.74 29.73 -1.38
N VAL A 199 -4.04 28.76 -0.81
CA VAL A 199 -4.59 27.42 -0.53
C VAL A 199 -4.30 27.21 0.94
N VAL A 200 -5.37 26.99 1.70
CA VAL A 200 -5.19 26.83 3.16
C VAL A 200 -5.28 25.34 3.54
N VAL A 201 -4.30 24.89 4.28
CA VAL A 201 -4.21 23.51 4.74
C VAL A 201 -4.41 23.53 6.26
N TRP A 202 -5.27 22.61 6.74
CA TRP A 202 -5.49 22.58 8.19
C TRP A 202 -4.25 22.05 8.92
N GLY A 203 -3.93 22.71 10.04
CA GLY A 203 -2.85 22.30 10.91
C GLY A 203 -1.67 23.26 10.80
N SER A 204 -0.55 22.95 11.49
CA SER A 204 0.62 23.81 11.51
C SER A 204 1.64 23.49 10.42
N GLY A 205 1.58 22.30 9.86
CA GLY A 205 2.55 21.85 8.86
C GLY A 205 3.76 21.17 9.48
N THR A 206 3.86 21.15 10.83
CA THR A 206 4.99 20.53 11.48
C THR A 206 5.07 19.02 11.54
N PRO A 207 4.00 18.26 11.48
CA PRO A 207 4.09 16.79 11.58
C PRO A 207 4.93 16.27 10.43
N MET A 208 5.68 15.21 10.76
CA MET A 208 6.55 14.52 9.78
C MET A 208 5.90 13.19 9.40
N ARG A 209 5.84 12.98 8.09
CA ARG A 209 5.28 11.81 7.48
C ARG A 209 6.22 11.25 6.42
N GLU A 210 5.93 10.07 5.92
CA GLU A 210 6.73 9.33 4.95
C GLU A 210 5.87 8.91 3.75
N PHE A 211 6.44 9.09 2.56
CA PHE A 211 5.70 8.83 1.32
C PHE A 211 6.57 8.05 0.34
N LEU A 212 5.93 7.07 -0.33
CA LEU A 212 6.60 6.20 -1.29
C LEU A 212 5.78 6.16 -2.59
N HIS A 213 6.49 6.29 -3.71
CA HIS A 213 5.79 6.21 -5.00
C HIS A 213 5.40 4.75 -5.24
N VAL A 214 4.21 4.56 -5.79
CA VAL A 214 3.68 3.21 -6.06
C VAL A 214 4.60 2.34 -6.94
N ASP A 215 5.31 2.99 -7.91
CA ASP A 215 6.18 2.12 -8.69
C ASP A 215 7.34 1.60 -7.90
N ASP A 216 7.80 2.41 -6.90
CA ASP A 216 8.80 1.84 -5.97
C ASP A 216 8.16 0.70 -5.15
N MET A 217 6.95 0.91 -4.67
CA MET A 217 6.23 -0.17 -3.96
C MET A 217 6.22 -1.45 -4.78
N ALA A 218 5.84 -1.32 -6.07
CA ALA A 218 5.77 -2.53 -6.89
C ALA A 218 7.13 -3.18 -7.04
N ALA A 219 8.17 -2.37 -7.27
CA ALA A 219 9.50 -2.92 -7.44
C ALA A 219 9.97 -3.66 -6.19
N ALA A 220 9.75 -3.03 -5.03
CA ALA A 220 10.11 -3.70 -3.77
C ALA A 220 9.34 -5.01 -3.58
N SER A 221 8.07 -4.98 -3.96
CA SER A 221 7.21 -6.17 -3.80
C SER A 221 7.71 -7.32 -4.66
N ILE A 222 8.04 -7.04 -5.92
CA ILE A 222 8.57 -8.10 -6.78
C ILE A 222 9.92 -8.59 -6.27
N HIS A 223 10.76 -7.67 -5.79
CA HIS A 223 12.06 -8.03 -5.20
C HIS A 223 11.84 -8.97 -4.02
N VAL A 224 10.96 -8.60 -3.09
CA VAL A 224 10.71 -9.46 -1.93
C VAL A 224 10.13 -10.82 -2.30
N MET A 225 9.18 -10.84 -3.27
CA MET A 225 8.60 -12.13 -3.71
C MET A 225 9.68 -13.05 -4.24
N GLU A 226 10.63 -12.50 -5.01
CA GLU A 226 11.56 -13.35 -5.74
C GLU A 226 12.89 -13.68 -5.10
N LEU A 227 13.15 -13.17 -3.88
CA LEU A 227 14.34 -13.54 -3.12
C LEU A 227 14.28 -15.05 -2.82
N ALA A 228 15.43 -15.68 -2.70
CA ALA A 228 15.49 -17.05 -2.28
C ALA A 228 14.86 -17.19 -0.89
N HIS A 229 14.15 -18.30 -0.66
CA HIS A 229 13.53 -18.52 0.62
C HIS A 229 14.52 -18.48 1.76
N GLU A 230 15.75 -19.02 1.62
CA GLU A 230 16.63 -18.99 2.79
C GLU A 230 17.06 -17.58 3.16
N VAL A 231 17.17 -16.71 2.18
CA VAL A 231 17.47 -15.29 2.41
C VAL A 231 16.32 -14.55 3.06
N TRP A 232 15.09 -14.81 2.62
CA TRP A 232 13.90 -14.26 3.26
C TRP A 232 13.79 -14.74 4.72
N LEU A 233 14.04 -16.03 4.96
CA LEU A 233 14.03 -16.55 6.31
C LEU A 233 15.08 -15.88 7.18
N GLU A 234 16.30 -15.62 6.71
CA GLU A 234 17.37 -15.04 7.52
C GLU A 234 17.00 -13.67 8.06
N ASN A 235 16.09 -12.96 7.37
CA ASN A 235 15.79 -11.59 7.69
C ASN A 235 14.38 -11.42 8.23
N THR A 236 13.69 -12.51 8.52
CA THR A 236 12.37 -12.45 9.13
C THR A 236 12.29 -13.41 10.30
N GLN A 237 11.16 -13.51 11.00
CA GLN A 237 10.92 -14.61 11.94
C GLN A 237 9.54 -15.19 11.56
N PRO A 238 9.28 -16.46 11.85
CA PRO A 238 8.05 -17.08 11.38
C PRO A 238 6.81 -16.35 11.85
N MET A 239 6.78 -15.89 13.09
CA MET A 239 5.64 -15.21 13.66
C MET A 239 5.83 -13.70 13.73
N LEU A 240 6.84 -13.20 12.99
CA LEU A 240 7.05 -11.77 12.79
C LEU A 240 7.67 -11.64 11.41
N SER A 241 6.84 -11.96 10.40
CA SER A 241 7.35 -12.25 9.07
C SER A 241 7.26 -11.14 8.05
N HIS A 242 6.41 -10.15 8.30
CA HIS A 242 6.14 -9.09 7.33
C HIS A 242 7.32 -8.12 7.20
N ILE A 243 7.34 -7.44 6.06
CA ILE A 243 8.44 -6.51 5.76
C ILE A 243 7.85 -5.14 5.42
N ASN A 244 8.31 -4.12 6.13
CA ASN A 244 7.92 -2.75 5.83
C ASN A 244 8.57 -2.28 4.51
N VAL A 245 7.75 -1.58 3.73
CA VAL A 245 8.25 -1.03 2.46
C VAL A 245 8.02 0.49 2.52
N GLY A 246 9.11 1.22 2.32
CA GLY A 246 9.11 2.67 2.44
C GLY A 246 10.49 3.25 2.16
N THR A 247 10.63 4.53 2.48
CA THR A 247 11.91 5.21 2.31
C THR A 247 12.65 5.29 3.63
N GLY A 248 11.94 5.20 4.78
CA GLY A 248 12.56 5.43 6.05
C GLY A 248 12.92 6.87 6.35
N VAL A 249 12.43 7.81 5.55
CA VAL A 249 12.79 9.22 5.68
C VAL A 249 11.53 10.07 5.85
N ASP A 250 11.61 11.00 6.79
CA ASP A 250 10.58 11.91 7.20
C ASP A 250 10.51 13.14 6.29
N CYS A 251 9.31 13.67 6.13
CA CYS A 251 9.14 15.02 5.64
C CYS A 251 7.94 15.70 6.25
N THR A 252 8.13 16.97 6.62
CA THR A 252 7.01 17.75 7.19
C THR A 252 5.94 17.91 6.13
N ILE A 253 4.70 17.98 6.63
CA ILE A 253 3.56 18.37 5.76
C ILE A 253 3.82 19.74 5.13
N ARG A 254 4.48 20.63 5.87
CA ARG A 254 4.90 21.91 5.27
C ARG A 254 5.75 21.65 4.02
N GLU A 255 6.84 20.89 4.17
CA GLU A 255 7.72 20.68 3.01
C GLU A 255 6.98 20.01 1.84
N LEU A 256 6.10 19.05 2.17
CA LEU A 256 5.31 18.39 1.15
C LEU A 256 4.43 19.40 0.38
N ALA A 257 3.67 20.21 1.12
CA ALA A 257 2.75 21.16 0.49
C ALA A 257 3.55 22.16 -0.35
N GLN A 258 4.68 22.67 0.17
CA GLN A 258 5.44 23.65 -0.61
C GLN A 258 6.01 22.99 -1.87
N THR A 259 6.42 21.74 -1.76
CA THR A 259 6.94 21.01 -2.93
C THR A 259 5.88 20.81 -3.97
N ILE A 260 4.68 20.40 -3.55
CA ILE A 260 3.55 20.23 -4.47
C ILE A 260 3.23 21.54 -5.19
N ALA A 261 3.16 22.63 -4.42
CA ALA A 261 2.91 23.93 -5.03
C ALA A 261 3.92 24.28 -6.11
N LYS A 262 5.20 23.96 -5.87
CA LYS A 262 6.22 24.20 -6.90
C LYS A 262 6.00 23.30 -8.11
N VAL A 263 5.74 22.01 -7.81
CA VAL A 263 5.54 21.03 -8.90
C VAL A 263 4.45 21.42 -9.88
N VAL A 264 3.35 21.94 -9.32
CA VAL A 264 2.18 22.30 -10.14
C VAL A 264 2.32 23.67 -10.78
N GLY A 265 3.27 24.49 -10.32
CA GLY A 265 3.44 25.85 -10.86
C GLY A 265 2.49 26.85 -10.22
N TYR A 266 2.04 26.58 -9.00
CA TYR A 266 1.16 27.53 -8.30
C TYR A 266 2.01 28.73 -7.87
N LYS A 267 1.48 29.94 -8.04
CA LYS A 267 2.17 31.16 -7.68
C LYS A 267 1.48 31.95 -6.56
N GLY A 268 0.41 31.39 -6.01
CA GLY A 268 -0.27 31.96 -4.86
C GLY A 268 0.48 31.52 -3.59
N ARG A 269 -0.17 31.65 -2.41
CA ARG A 269 0.49 31.31 -1.15
C ARG A 269 0.00 29.97 -0.59
N VAL A 270 0.88 29.14 -0.09
CA VAL A 270 0.51 28.00 0.73
C VAL A 270 0.32 28.51 2.16
N VAL A 271 -0.82 28.29 2.77
CA VAL A 271 -1.12 28.80 4.09
C VAL A 271 -1.51 27.63 5.01
N PHE A 272 -0.91 27.61 6.21
CA PHE A 272 -1.31 26.59 7.19
C PHE A 272 -2.11 27.29 8.28
N ASP A 273 -3.26 26.73 8.60
CA ASP A 273 -4.13 27.24 9.65
C ASP A 273 -3.96 26.44 10.93
N ALA A 274 -3.09 26.96 11.80
CA ALA A 274 -2.73 26.27 13.03
C ALA A 274 -3.81 26.30 14.11
N SER A 275 -4.99 26.88 13.82
CA SER A 275 -6.10 26.75 14.76
C SER A 275 -6.70 25.35 14.69
N LYS A 276 -6.36 24.60 13.66
CA LYS A 276 -6.81 23.22 13.51
C LYS A 276 -5.71 22.31 14.03
N PRO A 277 -6.06 21.16 14.60
CA PRO A 277 -5.13 20.30 15.29
C PRO A 277 -4.24 19.51 14.32
N ASP A 278 -3.06 19.19 14.83
CA ASP A 278 -2.16 18.30 14.13
C ASP A 278 -2.30 16.86 14.63
N GLY A 279 -1.92 15.93 13.76
CA GLY A 279 -1.74 14.55 14.18
C GLY A 279 -0.45 14.39 14.98
N THR A 280 -0.02 13.13 15.20
CA THR A 280 1.22 12.94 15.95
C THR A 280 2.40 13.60 15.27
N PRO A 281 3.48 13.89 16.00
CA PRO A 281 4.54 14.70 15.43
C PRO A 281 5.34 13.94 14.39
N ARG A 282 5.33 12.58 14.47
CA ARG A 282 6.18 11.84 13.55
C ARG A 282 5.62 10.41 13.35
N LYS A 283 5.54 10.00 12.08
CA LYS A 283 5.07 8.66 11.75
C LYS A 283 5.82 8.20 10.49
N LEU A 284 6.56 7.10 10.60
CA LEU A 284 7.23 6.52 9.45
C LEU A 284 7.65 5.09 9.76
N LEU A 285 7.91 4.33 8.70
CA LEU A 285 8.38 2.96 8.86
C LEU A 285 9.90 2.93 9.02
N ASP A 286 10.37 1.95 9.80
CA ASP A 286 11.76 1.54 9.85
C ASP A 286 11.93 0.48 8.77
N VAL A 287 12.71 0.80 7.73
CA VAL A 287 12.89 -0.15 6.62
C VAL A 287 14.23 -0.82 6.64
N THR A 288 14.80 -1.02 7.83
CA THR A 288 16.06 -1.75 7.96
C THR A 288 16.00 -3.15 7.37
N ARG A 289 14.90 -3.88 7.62
CA ARG A 289 14.80 -5.24 7.11
C ARG A 289 14.83 -5.23 5.58
N LEU A 290 14.07 -4.35 4.94
CA LEU A 290 14.03 -4.26 3.48
C LEU A 290 15.39 -3.94 2.89
N HIS A 291 16.06 -2.97 3.51
CA HIS A 291 17.43 -2.59 3.09
C HIS A 291 18.39 -3.75 3.21
N GLN A 292 18.31 -4.47 4.32
CA GLN A 292 19.14 -5.65 4.57
C GLN A 292 18.91 -6.74 3.54
N LEU A 293 17.67 -6.82 3.03
CA LEU A 293 17.29 -7.69 1.94
C LEU A 293 17.68 -7.19 0.57
N GLY A 294 18.37 -6.06 0.47
CA GLY A 294 19.01 -5.55 -0.73
C GLY A 294 18.15 -4.68 -1.64
N TRP A 295 17.07 -4.10 -1.13
CA TRP A 295 16.29 -3.19 -1.94
C TRP A 295 16.26 -1.80 -1.29
N TYR A 296 16.47 -0.80 -2.12
CA TYR A 296 16.42 0.60 -1.74
C TYR A 296 15.59 1.37 -2.77
N HIS A 297 14.73 2.28 -2.30
CA HIS A 297 13.86 3.02 -3.23
C HIS A 297 14.68 3.90 -4.17
N GLU A 298 14.07 4.11 -5.34
CA GLU A 298 14.74 4.89 -6.39
C GLU A 298 14.09 6.24 -6.67
N ILE A 299 12.85 6.48 -6.23
CA ILE A 299 12.12 7.66 -6.65
C ILE A 299 12.04 8.69 -5.52
N SER A 300 12.72 9.82 -5.74
CA SER A 300 12.70 10.89 -4.75
C SER A 300 11.35 11.58 -4.77
N LEU A 301 11.02 12.31 -3.69
CA LEU A 301 9.73 12.94 -3.58
C LEU A 301 9.47 13.91 -4.73
N GLU A 302 10.37 14.85 -4.97
CA GLU A 302 10.08 15.84 -6.02
C GLU A 302 9.97 15.19 -7.40
N ALA A 303 10.82 14.22 -7.70
CA ALA A 303 10.73 13.53 -8.99
C ALA A 303 9.44 12.72 -9.11
N GLY A 304 9.08 12.04 -8.02
CA GLY A 304 7.85 11.26 -8.03
C GLY A 304 6.58 12.12 -8.06
N LEU A 305 6.59 13.28 -7.39
CA LEU A 305 5.44 14.16 -7.46
C LEU A 305 5.28 14.70 -8.89
N ALA A 306 6.41 15.11 -9.51
CA ALA A 306 6.33 15.64 -10.86
C ALA A 306 5.80 14.63 -11.85
N SER A 307 6.28 13.36 -11.78
CA SER A 307 5.77 12.38 -12.73
C SER A 307 4.31 12.07 -12.43
N THR A 308 3.98 12.01 -11.12
CA THR A 308 2.60 11.72 -10.76
C THR A 308 1.65 12.81 -11.25
N TYR A 309 2.05 14.08 -11.14
CA TYR A 309 1.26 15.19 -11.66
C TYR A 309 1.13 15.13 -13.17
N GLN A 310 2.17 14.73 -13.86
CA GLN A 310 2.09 14.58 -15.33
C GLN A 310 1.10 13.46 -15.68
N TRP A 311 1.08 12.39 -14.87
CA TRP A 311 0.08 11.33 -15.05
C TRP A 311 -1.32 11.89 -14.90
N PHE A 312 -1.58 12.65 -13.82
CA PHE A 312 -2.89 13.28 -13.60
C PHE A 312 -3.26 14.13 -14.82
N LEU A 313 -2.32 14.95 -15.29
CA LEU A 313 -2.60 15.88 -16.39
C LEU A 313 -3.11 15.12 -17.61
N GLU A 314 -2.50 13.98 -17.89
CA GLU A 314 -2.83 13.16 -19.04
C GLU A 314 -4.08 12.32 -18.81
N ASN A 315 -4.59 12.27 -17.58
CA ASN A 315 -5.77 11.47 -17.29
C ASN A 315 -6.91 12.22 -16.62
N GLN A 316 -7.08 13.49 -16.93
CA GLN A 316 -8.08 14.31 -16.24
C GLN A 316 -9.50 13.86 -16.57
PA NAP B . -7.33 -0.23 -4.75
O1A NAP B . -8.70 0.06 -4.33
O2A NAP B . -6.71 0.79 -5.69
O5B NAP B . -7.18 -1.62 -5.38
C5B NAP B . -7.93 -2.74 -4.82
C4B NAP B . -8.32 -3.62 -6.07
O4B NAP B . -9.03 -4.78 -5.50
C3B NAP B . -9.39 -2.90 -6.96
O3B NAP B . -9.08 -3.13 -8.32
C2B NAP B . -10.71 -3.59 -6.55
O2B NAP B . -11.67 -3.68 -7.61
C1B NAP B . -10.20 -4.98 -6.27
N9A NAP B . -11.13 -5.75 -5.47
C8A NAP B . -11.69 -5.36 -4.28
N7A NAP B . -12.61 -6.23 -3.91
C5A NAP B . -12.70 -7.19 -4.92
C6A NAP B . -13.53 -8.33 -5.11
N6A NAP B . -14.55 -8.63 -4.26
N1A NAP B . -13.32 -9.09 -6.21
C2A NAP B . -12.34 -8.73 -7.09
N3A NAP B . -11.58 -7.61 -7.03
C4A NAP B . -11.71 -6.94 -5.85
O3 NAP B . -6.49 -0.37 -3.50
PN NAP B . -4.87 -0.40 -3.23
O1N NAP B . -4.19 -0.69 -4.53
O2N NAP B . -4.53 -1.31 -2.04
O5D NAP B . -4.62 1.08 -2.91
C5D NAP B . -3.30 1.54 -2.62
C4D NAP B . -3.40 2.99 -2.21
O4D NAP B . -4.22 3.62 -3.21
C3D NAP B . -4.27 3.24 -0.95
O3D NAP B . -3.32 3.10 0.11
C2D NAP B . -4.40 4.79 -1.18
O2D NAP B . -3.06 5.36 -1.15
C1D NAP B . -4.84 4.74 -2.59
N1N NAP B . -6.24 4.44 -2.49
C2N NAP B . -7.05 5.39 -1.87
C3N NAP B . -8.45 5.23 -1.79
C7N NAP B . -9.37 6.24 -1.09
O7N NAP B . -8.82 7.15 -0.41
N7N NAP B . -10.73 6.14 -1.41
C4N NAP B . -9.02 4.12 -2.43
C5N NAP B . -8.16 3.17 -3.10
C6N NAP B . -6.76 3.42 -3.14
P2B NAP B . -12.92 -2.75 -7.64
O1X NAP B . -13.66 -3.21 -8.86
O2X NAP B . -13.64 -2.82 -6.28
O3X NAP B . -12.44 -1.37 -7.64
C1 UVW C . -12.32 9.63 2.84
O1 UVW C . -12.42 10.29 3.88
C1M UVW C . -11.64 9.88 1.80
O2 UVW C . -12.81 8.11 2.91
P UVW C . -13.14 7.94 1.48
O1P UVW C . -12.76 6.67 0.95
O2P UVW C . -14.59 7.91 1.49
O3P UVW C . -12.81 9.17 0.53
S SO4 D . -7.29 -5.60 -18.04
O1 SO4 D . -8.03 -6.67 -17.29
O2 SO4 D . -6.22 -6.21 -18.90
O3 SO4 D . -8.22 -4.85 -18.90
O4 SO4 D . -6.59 -4.69 -17.05
S SO4 E . 7.83 -21.74 14.68
O1 SO4 E . 7.10 -22.47 15.71
O2 SO4 E . 9.24 -21.68 14.56
O3 SO4 E . 7.24 -22.05 13.33
O4 SO4 E . 7.38 -20.28 14.87
C TRS F . -1.09 3.00 -16.72
C1 TRS F . -1.63 1.62 -16.47
C2 TRS F . -0.18 2.80 -18.00
C3 TRS F . -0.29 3.53 -15.47
N TRS F . -1.46 4.39 -17.23
O1 TRS F . -1.55 0.45 -15.47
O2 TRS F . 0.96 3.66 -18.01
O3 TRS F . 0.75 4.37 -15.78
S SO4 G . -2.04 10.68 10.16
O1 SO4 G . -3.35 11.00 9.58
O2 SO4 G . -0.94 10.77 9.15
O3 SO4 G . -1.86 11.66 11.28
O4 SO4 G . -2.09 9.27 10.69
#